data_6U53
#
_entry.id   6U53
#
_cell.length_a   78.414
_cell.length_b   78.414
_cell.length_c   37.811
_cell.angle_alpha   90.000
_cell.angle_beta   90.000
_cell.angle_gamma   90.000
#
_symmetry.space_group_name_H-M   'P 41 21 2'
#
loop_
_entity.id
_entity.type
_entity.pdbx_description
1 polymer 'Anti-Zaire ebolavirus Nucleoprotein Single Domain Antibody Zaire C (ZC)'
2 water water
#
_entity_poly.entity_id   1
_entity_poly.type   'polypeptide(L)'
_entity_poly.pdbx_seq_one_letter_code
;KVQLQQSGGGSVTPGGSLRLSCAASGSISDFAAMAWYRQAPGKERDWVGTIFSAGALLYAEPVKGRFTISRDNAKNTVYL
QMNSLKPEDTAVYYCRLYAEAIYWGQGTQVTVSSAAAHHHHHH
;
_entity_poly.pdbx_strand_id   A
#
# COMPACT_ATOMS: atom_id res chain seq x y z
N VAL A 2 -9.17 -13.12 9.58
CA VAL A 2 -8.01 -12.44 9.00
C VAL A 2 -7.72 -11.13 9.72
N GLN A 3 -6.42 -10.90 9.98
CA GLN A 3 -6.00 -9.70 10.69
C GLN A 3 -6.03 -8.47 9.77
N LEU A 4 -5.47 -8.58 8.58
CA LEU A 4 -5.30 -7.43 7.70
C LEU A 4 -6.17 -7.55 6.46
N GLN A 5 -6.81 -6.44 6.10
CA GLN A 5 -7.60 -6.31 4.88
C GLN A 5 -7.00 -5.21 4.03
N GLN A 6 -6.49 -5.57 2.86
CA GLN A 6 -5.89 -4.61 1.93
C GLN A 6 -6.81 -4.38 0.74
N SER A 7 -6.93 -3.12 0.33
CA SER A 7 -7.68 -2.80 -0.89
C SER A 7 -7.19 -1.45 -1.44
N GLY A 8 -7.96 -0.85 -2.33
CA GLY A 8 -7.61 0.42 -2.92
C GLY A 8 -6.74 0.31 -4.15
N GLY A 9 -6.35 -0.89 -4.53
CA GLY A 9 -5.65 -1.10 -5.76
C GLY A 9 -6.58 -1.10 -6.96
N GLY A 10 -5.96 -1.36 -8.10
CA GLY A 10 -6.68 -1.38 -9.36
C GLY A 10 -5.69 -1.16 -10.49
N SER A 11 -6.27 -0.71 -11.61
CA SER A 11 -5.58 -0.44 -12.87
C SER A 11 -5.74 1.04 -13.17
N VAL A 12 -4.64 1.72 -13.44
CA VAL A 12 -4.64 3.16 -13.68
C VAL A 12 -3.68 3.44 -14.81
N THR A 13 -3.95 4.49 -15.57
CA THR A 13 -3.09 4.87 -16.68
C THR A 13 -1.82 5.54 -16.19
N PRO A 14 -0.74 5.45 -16.97
CA PRO A 14 0.48 6.17 -16.61
C PRO A 14 0.20 7.61 -16.26
N GLY A 15 0.87 8.09 -15.21
CA GLY A 15 0.69 9.42 -14.68
C GLY A 15 -0.25 9.51 -13.50
N GLY A 16 -1.15 8.54 -13.33
CA GLY A 16 -2.16 8.62 -12.29
C GLY A 16 -1.62 8.35 -10.91
N SER A 17 -2.53 8.36 -9.94
CA SER A 17 -2.23 8.05 -8.56
C SER A 17 -3.21 7.00 -8.05
N LEU A 18 -2.81 6.36 -6.94
CA LEU A 18 -3.71 5.50 -6.18
C LEU A 18 -3.45 5.70 -4.69
N ARG A 19 -4.41 5.26 -3.87
CA ARG A 19 -4.22 5.21 -2.42
C ARG A 19 -4.63 3.85 -1.88
N LEU A 20 -3.63 3.01 -1.63
CA LEU A 20 -3.82 1.69 -1.05
C LEU A 20 -4.20 1.81 0.43
N SER A 21 -4.98 0.86 0.90
CA SER A 21 -5.38 0.83 2.29
C SER A 21 -5.05 -0.53 2.88
N CYS A 22 -4.66 -0.51 4.15
CA CYS A 22 -4.40 -1.74 4.91
C CYS A 22 -5.09 -1.55 6.25
N ALA A 23 -6.20 -2.25 6.45
CA ALA A 23 -7.02 -2.11 7.64
C ALA A 23 -6.79 -3.33 8.53
N ALA A 24 -6.43 -3.09 9.77
CA ALA A 24 -6.19 -4.17 10.69
C ALA A 24 -7.40 -4.31 11.59
N SER A 25 -7.73 -5.55 11.90
CA SER A 25 -8.89 -5.89 12.71
C SER A 25 -8.55 -5.88 14.19
N GLY A 26 -7.28 -5.72 14.50
CA GLY A 26 -6.81 -5.70 15.87
C GLY A 26 -7.03 -4.37 16.59
N SER A 27 -6.54 -4.29 17.82
CA SER A 27 -6.72 -3.08 18.62
C SER A 27 -5.73 -1.98 18.25
N ILE A 28 -6.24 -0.76 18.20
CA ILE A 28 -5.47 0.40 17.86
C ILE A 28 -4.33 0.67 18.84
N SER A 29 -4.49 0.24 20.09
CA SER A 29 -3.49 0.45 21.12
C SER A 29 -2.25 -0.44 20.95
N ASP A 30 -2.40 -1.55 20.24
CA ASP A 30 -1.28 -2.44 20.03
C ASP A 30 -0.43 -2.05 18.83
N PHE A 31 -0.88 -1.08 18.04
CA PHE A 31 -0.14 -0.69 16.85
C PHE A 31 1.23 -0.13 17.21
N ALA A 32 2.28 -0.70 16.61
CA ALA A 32 3.64 -0.20 16.78
C ALA A 32 4.24 0.34 15.48
N ALA A 33 4.00 -0.30 14.34
CA ALA A 33 4.47 0.19 13.06
C ALA A 33 3.76 -0.56 11.94
N MET A 34 3.72 0.05 10.76
CA MET A 34 3.18 -0.56 9.57
C MET A 34 4.15 -0.25 8.43
N ALA A 35 4.70 -1.29 7.83
CA ALA A 35 5.60 -1.15 6.69
C ALA A 35 4.92 -1.59 5.41
N TRP A 36 5.36 -1.02 4.30
CA TRP A 36 4.87 -1.36 2.97
C TRP A 36 6.02 -1.85 2.11
N TYR A 37 5.72 -2.84 1.25
CA TYR A 37 6.66 -3.46 0.33
C TYR A 37 6.01 -3.57 -1.04
N ARG A 38 6.87 -3.64 -2.05
N ARG A 38 6.87 -3.65 -2.06
CA ARG A 38 6.46 -3.78 -3.44
CA ARG A 38 6.45 -3.80 -3.45
C ARG A 38 7.19 -4.98 -4.02
C ARG A 38 7.19 -4.98 -4.03
N GLN A 39 6.47 -5.82 -4.75
CA GLN A 39 7.04 -7.01 -5.36
C GLN A 39 6.62 -7.02 -6.83
N ALA A 40 7.53 -6.60 -7.68
CA ALA A 40 7.31 -6.62 -9.10
C ALA A 40 7.36 -8.06 -9.59
N PRO A 41 6.82 -8.31 -10.79
N PRO A 41 6.88 -8.28 -10.82
CA PRO A 41 6.39 -9.68 -11.14
CA PRO A 41 6.92 -9.64 -11.39
C PRO A 41 7.16 -10.84 -10.54
C PRO A 41 8.34 -10.17 -11.47
N GLY A 42 8.44 -11.01 -10.88
N GLY A 42 8.52 -11.38 -10.94
CA GLY A 42 9.23 -12.13 -10.38
CA GLY A 42 9.82 -12.03 -10.99
C GLY A 42 10.44 -11.74 -9.55
C GLY A 42 10.90 -11.36 -10.17
N LYS A 43 10.50 -10.46 -9.28
CA LYS A 43 11.37 -9.73 -8.37
C LYS A 43 11.14 -10.06 -6.89
N GLU A 44 12.06 -9.62 -6.05
CA GLU A 44 12.00 -9.84 -4.62
C GLU A 44 11.16 -8.76 -3.94
N ARG A 45 10.55 -9.08 -2.79
CA ARG A 45 9.76 -8.12 -2.01
C ARG A 45 10.71 -7.00 -1.62
N ASP A 46 10.35 -5.77 -1.93
CA ASP A 46 11.23 -4.63 -1.76
C ASP A 46 10.56 -3.61 -0.85
N TRP A 47 11.25 -3.22 0.20
CA TRP A 47 10.65 -2.36 1.19
C TRP A 47 10.55 -0.94 0.66
N VAL A 48 9.41 -0.29 0.94
CA VAL A 48 9.10 1.06 0.48
C VAL A 48 9.17 2.09 1.61
N GLY A 49 8.59 1.79 2.76
CA GLY A 49 8.55 2.75 3.84
C GLY A 49 7.73 2.22 4.98
N THR A 50 7.79 2.95 6.10
CA THR A 50 7.15 2.55 7.34
C THR A 50 6.62 3.76 8.07
N ILE A 51 5.47 3.61 8.73
CA ILE A 51 4.98 4.61 9.66
C ILE A 51 5.01 4.01 11.06
N PHE A 52 5.44 4.80 12.01
CA PHE A 52 5.46 4.35 13.40
C PHE A 52 4.30 4.95 14.17
N SER A 53 3.97 4.30 15.30
CA SER A 53 2.83 4.68 16.14
C SER A 53 2.82 6.15 16.54
N ALA A 54 3.95 6.68 16.97
CA ALA A 54 4.05 8.08 17.33
C ALA A 54 4.15 9.00 16.10
N GLY A 55 4.02 8.42 14.91
CA GLY A 55 3.85 9.21 13.71
C GLY A 55 5.08 9.47 12.89
N ALA A 56 6.26 8.99 13.29
CA ALA A 56 7.42 9.20 12.44
C ALA A 56 7.26 8.43 11.14
N LEU A 57 7.89 8.95 10.08
CA LEU A 57 7.75 8.42 8.74
C LEU A 57 9.11 8.05 8.23
N LEU A 58 9.26 6.82 7.78
CA LEU A 58 10.55 6.28 7.33
C LEU A 58 10.41 5.91 5.87
N TYR A 59 11.30 6.41 5.03
CA TYR A 59 11.19 6.14 3.61
C TYR A 59 12.49 5.57 3.06
N ALA A 60 12.35 4.61 2.17
CA ALA A 60 13.50 4.01 1.51
C ALA A 60 14.20 5.04 0.64
N GLU A 61 15.51 4.84 0.43
CA GLU A 61 16.29 5.77 -0.37
C GLU A 61 15.69 6.10 -1.74
N PRO A 62 15.13 5.16 -2.49
CA PRO A 62 14.65 5.48 -3.85
C PRO A 62 13.37 6.30 -3.92
N VAL A 63 12.66 6.52 -2.81
CA VAL A 63 11.28 7.02 -2.84
C VAL A 63 11.23 8.49 -3.22
N LYS A 64 12.05 9.30 -2.54
CA LYS A 64 12.31 10.70 -2.90
C LYS A 64 11.02 11.47 -3.14
N GLY A 65 10.02 11.21 -2.29
CA GLY A 65 8.85 12.05 -2.21
C GLY A 65 7.66 11.62 -3.04
N ARG A 66 7.77 10.56 -3.83
CA ARG A 66 6.67 10.19 -4.73
C ARG A 66 5.53 9.49 -3.99
N PHE A 67 5.83 8.84 -2.88
CA PHE A 67 4.87 8.04 -2.12
C PHE A 67 4.72 8.63 -0.73
N THR A 68 3.48 8.59 -0.22
CA THR A 68 3.17 9.15 1.08
C THR A 68 2.45 8.11 1.93
N ILE A 69 2.98 7.85 3.11
CA ILE A 69 2.36 6.95 4.07
C ILE A 69 1.61 7.79 5.10
N SER A 70 0.40 7.37 5.44
CA SER A 70 -0.42 8.07 6.42
C SER A 70 -1.25 7.04 7.17
N ARG A 71 -1.94 7.50 8.21
N ARG A 71 -1.98 7.50 8.17
CA ARG A 71 -2.82 6.65 9.00
CA ARG A 71 -2.73 6.61 9.05
C ARG A 71 -4.15 7.35 9.20
C ARG A 71 -3.99 7.29 9.56
N ASP A 72 -5.23 6.58 9.10
N ASP A 72 -5.12 6.62 9.41
CA ASP A 72 -6.55 7.13 9.34
CA ASP A 72 -6.38 7.02 10.02
C ASP A 72 -6.66 7.60 10.79
C ASP A 72 -6.54 6.16 11.28
N ASN A 73 -7.50 8.60 11.02
N ASN A 73 -6.01 6.68 12.41
CA ASN A 73 -7.64 9.15 12.36
CA ASN A 73 -6.00 5.90 13.64
C ASN A 73 -7.95 8.04 13.37
C ASN A 73 -7.41 5.42 14.00
N ALA A 74 -9.04 7.32 13.15
N ALA A 74 -8.43 6.29 13.85
CA ALA A 74 -9.35 6.22 14.07
CA ALA A 74 -9.79 5.92 14.21
C ALA A 74 -10.00 5.00 13.39
C ALA A 74 -10.19 4.58 13.59
N LYS A 75 -9.66 4.72 12.14
N LYS A 75 -10.03 4.45 12.27
CA LYS A 75 -10.16 3.52 11.46
CA LYS A 75 -10.36 3.22 11.59
C LYS A 75 -9.13 2.39 11.45
C LYS A 75 -9.29 2.15 11.73
N ASN A 76 -8.15 2.45 12.34
CA ASN A 76 -7.05 1.49 12.45
C ASN A 76 -6.59 1.04 11.06
N THR A 77 -6.34 2.02 10.19
CA THR A 77 -5.96 1.75 8.81
C THR A 77 -4.81 2.65 8.42
N VAL A 78 -3.85 2.08 7.70
CA VAL A 78 -2.73 2.83 7.14
C VAL A 78 -2.93 2.89 5.65
N TYR A 79 -2.48 4.01 5.04
CA TYR A 79 -2.58 4.24 3.62
C TYR A 79 -1.21 4.44 3.00
N LEU A 80 -1.08 4.02 1.75
CA LEU A 80 0.08 4.35 0.93
C LEU A 80 -0.44 5.10 -0.28
N GLN A 81 -0.18 6.41 -0.33
CA GLN A 81 -0.58 7.11 -1.56
C GLN A 81 0.62 7.16 -2.50
N MET A 82 0.32 6.83 -3.73
CA MET A 82 1.31 6.67 -4.78
C MET A 82 0.96 7.57 -5.95
N ASN A 83 1.87 8.49 -6.30
CA ASN A 83 1.59 9.46 -7.34
C ASN A 83 2.59 9.30 -8.48
N SER A 84 2.25 9.91 -9.61
CA SER A 84 3.07 9.84 -10.82
C SER A 84 3.43 8.41 -11.15
N LEU A 85 2.42 7.54 -11.17
CA LEU A 85 2.65 6.14 -11.43
C LEU A 85 3.14 5.92 -12.85
N LYS A 86 3.99 4.93 -13.00
CA LYS A 86 4.54 4.50 -14.27
C LYS A 86 4.42 2.99 -14.40
N PRO A 87 4.47 2.49 -15.63
CA PRO A 87 4.36 1.06 -15.90
C PRO A 87 5.26 0.25 -14.98
N GLU A 88 6.37 0.87 -14.57
CA GLU A 88 7.34 0.21 -13.70
C GLU A 88 6.86 -0.04 -12.27
N ASP A 89 5.84 0.70 -11.85
CA ASP A 89 5.23 0.57 -10.55
C ASP A 89 4.26 -0.61 -10.50
N THR A 90 3.96 -1.23 -11.63
CA THR A 90 3.09 -2.41 -11.63
C THR A 90 3.71 -3.47 -10.73
N ALA A 91 2.98 -3.87 -9.71
CA ALA A 91 3.50 -4.79 -8.72
C ALA A 91 2.37 -5.16 -7.79
N VAL A 92 2.64 -6.14 -6.92
CA VAL A 92 1.79 -6.45 -5.79
C VAL A 92 2.38 -5.73 -4.59
N TYR A 93 1.57 -4.95 -3.90
CA TYR A 93 1.99 -4.14 -2.76
C TYR A 93 1.47 -4.77 -1.49
N TYR A 94 2.36 -4.99 -0.52
CA TYR A 94 2.02 -5.70 0.72
C TYR A 94 2.21 -4.78 1.91
N CYS A 95 1.28 -4.83 2.86
CA CYS A 95 1.53 -4.17 4.14
C CYS A 95 1.97 -5.22 5.15
N ARG A 96 2.65 -4.76 6.19
CA ARG A 96 3.08 -5.63 7.27
C ARG A 96 2.95 -4.85 8.57
N LEU A 97 2.19 -5.43 9.49
CA LEU A 97 1.87 -4.82 10.77
C LEU A 97 2.73 -5.39 11.88
N TYR A 98 3.28 -4.48 12.68
CA TYR A 98 4.03 -4.83 13.87
C TYR A 98 3.17 -4.28 15.01
N ALA A 99 2.55 -5.16 15.76
CA ALA A 99 1.70 -4.78 16.87
C ALA A 99 2.00 -5.73 18.02
N GLU A 100 0.96 -6.41 18.50
CA GLU A 100 1.11 -7.44 19.52
C GLU A 100 1.88 -8.63 18.93
N ALA A 101 1.60 -8.91 17.65
CA ALA A 101 2.22 -9.93 16.83
C ALA A 101 2.53 -9.30 15.46
N ILE A 102 3.36 -9.94 14.65
CA ILE A 102 3.71 -9.41 13.33
C ILE A 102 2.90 -10.14 12.25
N TYR A 103 2.28 -9.41 11.33
CA TYR A 103 1.39 -10.00 10.35
C TYR A 103 1.66 -9.43 8.96
N TRP A 104 1.62 -10.30 7.97
CA TRP A 104 1.71 -9.91 6.59
C TRP A 104 0.30 -9.78 6.00
N GLY A 105 0.12 -8.77 5.15
CA GLY A 105 -1.10 -8.70 4.37
C GLY A 105 -1.05 -9.57 3.13
N GLN A 106 -2.23 -9.76 2.53
CA GLN A 106 -2.25 -10.69 1.39
C GLN A 106 -1.90 -10.02 0.07
N GLY A 107 -1.59 -8.75 0.07
CA GLY A 107 -1.14 -8.04 -1.12
C GLY A 107 -2.29 -7.44 -1.89
N THR A 108 -1.95 -6.36 -2.61
CA THR A 108 -2.88 -5.67 -3.51
C THR A 108 -2.17 -5.44 -4.83
N GLN A 109 -2.79 -5.87 -5.94
N GLN A 109 -2.80 -5.85 -5.92
CA GLN A 109 -2.17 -5.71 -7.25
CA GLN A 109 -2.23 -5.68 -7.25
C GLN A 109 -2.45 -4.30 -7.76
C GLN A 109 -2.44 -4.24 -7.68
N VAL A 110 -1.41 -3.66 -8.28
CA VAL A 110 -1.50 -2.38 -8.96
C VAL A 110 -0.97 -2.63 -10.36
N THR A 111 -1.74 -2.24 -11.38
CA THR A 111 -1.29 -2.29 -12.76
C THR A 111 -1.34 -0.89 -13.34
N VAL A 112 -0.21 -0.43 -13.89
CA VAL A 112 -0.12 0.88 -14.52
C VAL A 112 0.09 0.61 -16.01
N SER A 113 -0.91 0.94 -16.83
CA SER A 113 -0.90 0.60 -18.25
C SER A 113 -1.89 1.49 -19.00
N SER A 114 -1.61 1.76 -20.28
CA SER A 114 -2.59 2.42 -21.12
C SER A 114 -3.89 1.64 -21.20
N ALA A 115 -3.83 0.31 -21.05
CA ALA A 115 -5.03 -0.52 -21.10
C ALA A 115 -5.94 -0.29 -19.90
N ALA A 116 -5.48 0.43 -18.88
CA ALA A 116 -6.37 0.85 -17.80
C ALA A 116 -7.49 1.75 -18.31
N ALA A 117 -7.35 2.35 -19.50
CA ALA A 117 -8.41 3.17 -20.09
C ALA A 117 -9.47 2.32 -20.78
N HIS A 118 -9.32 1.00 -20.75
CA HIS A 118 -10.22 0.07 -21.41
C HIS A 118 -11.17 -0.46 -20.37
N HIS A 119 -12.47 -0.18 -20.52
CA HIS A 119 -13.39 -0.59 -19.46
C HIS A 119 -14.51 -1.52 -19.91
N HIS A 120 -14.44 -2.08 -21.13
CA HIS A 120 -15.56 -2.79 -21.69
C HIS A 120 -15.91 -4.05 -20.92
N HIS A 121 -14.93 -4.63 -20.23
CA HIS A 121 -15.26 -5.77 -19.40
C HIS A 121 -16.24 -5.38 -18.30
N HIS A 122 -16.26 -4.13 -17.86
CA HIS A 122 -17.11 -3.76 -16.74
C HIS A 122 -18.50 -3.38 -17.19
N HIS A 123 -18.58 -2.65 -18.30
N HIS A 123 -18.59 -2.68 -18.31
CA HIS A 123 -19.77 -1.92 -18.69
CA HIS A 123 -19.89 -2.26 -18.82
C HIS A 123 -20.40 -2.58 -19.92
C HIS A 123 -20.08 -2.94 -20.16
#